data_6W7E
#
_entry.id   6W7E
#
_cell.length_a   67.368
_cell.length_b   122.534
_cell.length_c   126.552
_cell.angle_alpha   90
_cell.angle_beta   90
_cell.angle_gamma   90
#
_symmetry.space_group_name_H-M   'P 21 21 21'
#
loop_
_entity.id
_entity.type
_entity.pdbx_description
1 polymer 'Potassium channel subfamily K member 2'
2 non-polymer 'CADMIUM ION'
3 non-polymer 'PENTAETHYLENE GLYCOL'
4 non-polymer PENTANE
5 non-polymer N-OCTANE
6 non-polymer 'POTASSIUM ION'
7 non-polymer '[(2R)-2-octanoyloxy-3-[oxidanyl-[(1R,2R,3S,4R,5R,6S)-2,3,6-tris(oxidanyl)-4,5-diphosphonooxy-cyclohexyl]oxy-phosphoryl]oxy-propyl] octanoate'
8 non-polymer DODECANE
9 non-polymer HEXADECANE
#
_entity_poly.entity_id   1
_entity_poly.type   'polypeptide(L)'
_entity_poly.pdbx_seq_one_letter_code
;MSFSSKPTVLASRVESDSAINVMKWKTVSTIFLVVVLYLIIGATVFKALEQPQEISQRTTIVIQREKFLRAHPCVSDQEL
DELIQQIVAAINAGIIPLGASSNQVSHWDLGSSFFFAGTVITTIGFGNISPRTEGGKIFCIIYALLGIPLFGFLLAGVGD
QLGTIFGKGIAKVEDTFIKWNVSQTKIRIISTIIFILFGCVLFVALPAVIFKHIEGWSALDAIYFVVITLTTIGFGDYVA
GGSDIEYLDFYKPVVWFWILVGLAYFAAVLSMIGDWLRVIAKKTKEAVGEFRAHAAEWTANVTSNSLEVLFQ
;
_entity_poly.pdbx_strand_id   A,B
#
loop_
_chem_comp.id
_chem_comp.type
_chem_comp.name
_chem_comp.formula
1PE non-polymer 'PENTAETHYLENE GLYCOL' 'C10 H22 O6'
CD non-polymer 'CADMIUM ION' 'Cd 2'
D12 non-polymer DODECANE 'C12 H26'
K non-polymer 'POTASSIUM ION' 'K 1'
LNK non-polymer PENTANE 'C5 H12'
OCT non-polymer N-OCTANE 'C8 H18'
PIO non-polymer '[(2R)-2-octanoyloxy-3-[oxidanyl-[(1R,2R,3S,4R,5R,6S)-2,3,6-tris(oxidanyl)-4,5-diphosphonooxy-cyclohexyl]oxy-phosphoryl]oxy-propyl] octanoate' 'C25 H49 O19 P3'
R16 non-polymer HEXADECANE 'C16 H34'
#
# COMPACT_ATOMS: atom_id res chain seq x y z
N LYS A 24 12.35 21.77 21.21
CA LYS A 24 12.17 23.02 20.48
C LYS A 24 12.43 22.84 19.00
N TRP A 25 13.62 22.36 18.68
CA TRP A 25 14.05 22.19 17.29
C TRP A 25 13.08 21.29 16.51
N LYS A 26 12.46 21.87 15.49
CA LYS A 26 11.49 21.17 14.65
C LYS A 26 12.11 19.98 13.92
N THR A 27 13.03 20.28 12.99
CA THR A 27 13.81 19.31 12.22
C THR A 27 12.92 18.53 11.25
N VAL A 28 11.61 18.74 11.32
CA VAL A 28 10.71 18.07 10.38
C VAL A 28 10.72 18.78 9.04
N SER A 29 10.74 20.11 9.05
CA SER A 29 10.72 20.90 7.83
C SER A 29 11.84 20.52 6.88
N THR A 30 13.05 20.28 7.41
CA THR A 30 14.16 19.87 6.56
C THR A 30 13.88 18.51 5.92
N ILE A 31 13.42 17.54 6.72
CA ILE A 31 13.05 16.24 6.18
C ILE A 31 11.91 16.39 5.18
N PHE A 32 11.00 17.33 5.44
CA PHE A 32 9.90 17.58 4.52
C PHE A 32 10.42 17.98 3.14
N LEU A 33 11.28 19.00 3.09
CA LEU A 33 11.81 19.47 1.82
C LEU A 33 12.60 18.38 1.10
N VAL A 34 13.35 17.57 1.87
CA VAL A 34 14.07 16.44 1.28
C VAL A 34 13.08 15.50 0.58
N VAL A 35 11.96 15.20 1.23
CA VAL A 35 10.96 14.33 0.63
C VAL A 35 10.34 14.98 -0.59
N VAL A 36 9.95 16.25 -0.47
CA VAL A 36 9.41 16.99 -1.60
C VAL A 36 10.41 16.97 -2.76
N LEU A 37 11.68 17.26 -2.45
CA LEU A 37 12.70 17.30 -3.49
C LEU A 37 12.97 15.92 -4.05
N TYR A 38 12.94 14.89 -3.19
CA TYR A 38 13.00 13.51 -3.65
C TYR A 38 11.89 13.21 -4.64
N LEU A 39 10.69 13.74 -4.38
CA LEU A 39 9.55 13.50 -5.25
C LEU A 39 9.67 14.29 -6.55
N ILE A 40 10.18 15.52 -6.48
CA ILE A 40 10.39 16.31 -7.69
C ILE A 40 11.40 15.63 -8.60
N ILE A 41 12.50 15.13 -8.05
CA ILE A 41 13.46 14.37 -8.83
C ILE A 41 12.80 13.10 -9.38
N GLY A 42 12.07 12.38 -8.51
CA GLY A 42 11.41 11.16 -8.96
C GLY A 42 10.46 11.40 -10.12
N ALA A 43 9.67 12.47 -10.04
CA ALA A 43 8.75 12.81 -11.12
C ALA A 43 9.48 12.96 -12.45
N THR A 44 10.46 13.86 -12.50
CA THR A 44 11.19 14.11 -13.74
C THR A 44 11.85 12.85 -14.28
N VAL A 45 12.28 11.95 -13.39
CA VAL A 45 12.90 10.71 -13.85
C VAL A 45 11.86 9.75 -14.41
N PHE A 46 10.67 9.71 -13.81
CA PHE A 46 9.64 8.80 -14.30
C PHE A 46 9.10 9.24 -15.66
N LYS A 47 8.76 10.53 -15.81
CA LYS A 47 8.26 10.97 -17.11
C LYS A 47 9.32 10.85 -18.18
N ALA A 48 10.60 10.95 -17.79
CA ALA A 48 11.69 10.73 -18.74
C ALA A 48 11.71 9.28 -19.22
N LEU A 49 11.30 8.35 -18.36
CA LEU A 49 11.35 6.92 -18.69
C LEU A 49 10.06 6.41 -19.31
N GLU A 50 8.92 7.00 -18.98
CA GLU A 50 7.63 6.40 -19.29
C GLU A 50 6.83 7.12 -20.37
N GLN A 51 6.81 8.45 -20.35
CA GLN A 51 6.19 9.25 -21.40
C GLN A 51 6.71 8.92 -22.80
N PRO A 52 7.98 8.49 -22.97
CA PRO A 52 8.38 7.93 -24.27
C PRO A 52 7.54 6.75 -24.76
N GLN A 53 7.43 5.65 -24.00
CA GLN A 53 6.65 4.53 -24.52
C GLN A 53 5.17 4.89 -24.61
N GLU A 54 4.71 5.81 -23.76
CA GLU A 54 3.32 6.19 -23.78
C GLU A 54 2.91 6.70 -25.16
N ILE A 55 3.76 7.50 -25.78
CA ILE A 55 3.48 7.99 -27.13
C ILE A 55 3.48 6.84 -28.12
N SER A 56 4.52 6.00 -28.08
CA SER A 56 4.65 4.91 -29.04
C SER A 56 3.46 3.95 -28.94
N GLN A 57 3.12 3.52 -27.72
CA GLN A 57 1.98 2.64 -27.52
C GLN A 57 0.68 3.28 -28.04
N ARG A 58 0.48 4.57 -27.78
CA ARG A 58 -0.81 5.18 -28.08
C ARG A 58 -0.90 5.66 -29.53
N THR A 59 0.23 5.87 -30.20
CA THR A 59 0.19 6.01 -31.65
C THR A 59 -0.19 4.69 -32.30
N THR A 60 0.25 3.57 -31.72
CA THR A 60 -0.08 2.25 -32.24
C THR A 60 -1.47 1.77 -31.81
N ILE A 61 -2.11 2.45 -30.86
CA ILE A 61 -3.50 2.14 -30.55
C ILE A 61 -4.44 2.87 -31.51
N VAL A 62 -4.08 4.10 -31.88
CA VAL A 62 -4.83 4.81 -32.91
C VAL A 62 -4.74 4.06 -34.25
N ILE A 63 -3.60 3.39 -34.48
CA ILE A 63 -3.47 2.58 -35.69
C ILE A 63 -4.42 1.39 -35.66
N GLN A 64 -4.55 0.75 -34.50
CA GLN A 64 -5.34 -0.48 -34.41
C GLN A 64 -6.84 -0.22 -34.43
N ARG A 65 -7.29 1.01 -34.19
CA ARG A 65 -8.66 1.37 -34.52
C ARG A 65 -8.81 1.50 -36.03
N GLU A 66 -8.01 2.38 -36.64
CA GLU A 66 -8.15 2.66 -38.06
C GLU A 66 -7.84 1.44 -38.91
N LYS A 67 -7.10 0.46 -38.37
CA LYS A 67 -7.00 -0.83 -39.06
C LYS A 67 -8.24 -1.68 -38.85
N PHE A 68 -8.89 -1.56 -37.68
CA PHE A 68 -10.11 -2.32 -37.43
C PHE A 68 -11.29 -1.71 -38.18
N LEU A 69 -11.39 -0.38 -38.20
CA LEU A 69 -12.48 0.27 -38.92
C LEU A 69 -12.41 0.00 -40.42
N ARG A 70 -11.20 0.07 -41.00
CA ARG A 70 -11.07 -0.15 -42.43
C ARG A 70 -11.26 -1.60 -42.82
N ALA A 71 -10.83 -2.54 -41.96
CA ALA A 71 -10.92 -3.96 -42.28
C ALA A 71 -12.30 -4.55 -42.07
N HIS A 72 -13.21 -3.82 -41.40
CA HIS A 72 -14.57 -4.30 -41.16
C HIS A 72 -15.53 -3.14 -41.37
N PRO A 73 -15.99 -2.92 -42.60
CA PRO A 73 -17.03 -1.91 -42.82
C PRO A 73 -18.32 -2.21 -42.10
N CYS A 74 -18.47 -3.45 -41.60
CA CYS A 74 -19.68 -3.84 -40.88
C CYS A 74 -19.86 -3.00 -39.63
N VAL A 75 -18.79 -2.83 -38.85
CA VAL A 75 -18.79 -1.99 -37.66
C VAL A 75 -18.40 -0.58 -38.08
N SER A 76 -18.94 0.42 -37.37
CA SER A 76 -18.81 1.81 -37.78
C SER A 76 -18.20 2.62 -36.64
N ASP A 77 -17.84 3.86 -36.99
CA ASP A 77 -17.28 4.81 -36.03
C ASP A 77 -18.18 5.01 -34.82
N GLN A 78 -19.44 5.35 -35.07
CA GLN A 78 -20.35 5.69 -33.97
C GLN A 78 -20.63 4.46 -33.10
N GLU A 79 -20.59 3.27 -33.70
CA GLU A 79 -20.92 2.05 -32.98
C GLU A 79 -19.74 1.48 -32.20
N LEU A 80 -18.51 1.85 -32.55
CA LEU A 80 -17.35 1.31 -31.84
C LEU A 80 -17.19 1.92 -30.46
N ASP A 81 -17.50 3.21 -30.33
CA ASP A 81 -17.43 3.84 -29.01
C ASP A 81 -18.48 3.25 -28.08
N GLU A 82 -19.59 2.78 -28.64
CA GLU A 82 -20.60 2.10 -27.85
C GLU A 82 -20.07 0.78 -27.30
N LEU A 83 -19.11 0.18 -27.99
CA LEU A 83 -18.42 -1.01 -27.47
C LEU A 83 -17.41 -0.63 -26.39
N ILE A 84 -16.65 0.45 -26.61
CA ILE A 84 -15.63 0.85 -25.65
C ILE A 84 -16.27 1.27 -24.34
N GLN A 85 -17.35 2.05 -24.41
CA GLN A 85 -18.10 2.41 -23.20
C GLN A 85 -18.49 1.16 -22.41
N GLN A 86 -19.09 0.18 -23.08
CA GLN A 86 -19.53 -1.02 -22.40
C GLN A 86 -18.37 -1.89 -21.95
N ILE A 87 -17.19 -1.73 -22.56
CA ILE A 87 -15.98 -2.33 -22.00
C ILE A 87 -15.51 -1.53 -20.79
N VAL A 88 -15.52 -0.20 -20.90
CA VAL A 88 -15.15 0.66 -19.78
C VAL A 88 -16.14 0.49 -18.64
N ALA A 89 -17.41 0.24 -18.95
CA ALA A 89 -18.36 -0.11 -17.90
C ALA A 89 -18.01 -1.46 -17.29
N ALA A 90 -17.56 -2.41 -18.12
CA ALA A 90 -17.16 -3.71 -17.62
C ALA A 90 -15.85 -3.66 -16.84
N ILE A 91 -15.08 -2.58 -16.96
CA ILE A 91 -13.88 -2.43 -16.14
C ILE A 91 -14.27 -2.37 -14.66
N ASN A 92 -15.42 -1.78 -14.35
CA ASN A 92 -15.89 -1.73 -12.97
C ASN A 92 -16.20 -3.12 -12.43
N ALA A 93 -16.44 -4.10 -13.29
CA ALA A 93 -16.69 -5.48 -12.85
C ALA A 93 -15.61 -6.43 -13.33
N GLY A 94 -15.32 -6.48 -14.62
CA GLY A 94 -14.34 -7.40 -15.15
C GLY A 94 -14.49 -7.65 -16.63
N SER A 106 -14.74 -17.63 -12.06
CA SER A 106 -15.59 -16.78 -11.24
C SER A 106 -14.80 -16.04 -10.17
N HIS A 107 -14.91 -14.72 -10.16
CA HIS A 107 -14.33 -13.95 -9.08
C HIS A 107 -15.17 -14.12 -7.82
N TRP A 108 -14.63 -13.60 -6.70
CA TRP A 108 -15.29 -13.69 -5.40
C TRP A 108 -15.65 -15.13 -5.03
N ASP A 109 -14.92 -16.10 -5.58
CA ASP A 109 -15.21 -17.49 -5.26
C ASP A 109 -14.72 -17.77 -3.84
N LEU A 110 -14.79 -19.04 -3.41
CA LEU A 110 -14.46 -19.36 -2.03
C LEU A 110 -13.06 -18.90 -1.65
N GLY A 111 -12.11 -19.00 -2.59
CA GLY A 111 -10.73 -18.70 -2.29
C GLY A 111 -10.25 -17.34 -2.78
N SER A 112 -10.89 -16.78 -3.81
CA SER A 112 -10.46 -15.49 -4.32
C SER A 112 -10.82 -14.36 -3.36
N SER A 113 -11.95 -14.47 -2.67
CA SER A 113 -12.31 -13.46 -1.67
C SER A 113 -11.39 -13.53 -0.46
N PHE A 114 -10.85 -14.72 -0.16
CA PHE A 114 -9.85 -14.88 0.89
C PHE A 114 -8.47 -14.40 0.41
N PHE A 115 -8.17 -14.54 -0.89
CA PHE A 115 -7.05 -13.79 -1.44
C PHE A 115 -7.27 -12.29 -1.27
N PHE A 116 -8.45 -11.80 -1.67
CA PHE A 116 -8.80 -10.39 -1.48
C PHE A 116 -8.68 -9.98 -0.02
N ALA A 117 -9.18 -10.83 0.90
CA ALA A 117 -9.14 -10.48 2.31
C ALA A 117 -7.70 -10.36 2.81
N GLY A 118 -6.83 -11.27 2.37
CA GLY A 118 -5.42 -11.16 2.73
C GLY A 118 -4.80 -9.85 2.27
N THR A 119 -5.14 -9.41 1.06
CA THR A 119 -4.60 -8.15 0.55
C THR A 119 -5.03 -6.96 1.40
N VAL A 120 -6.20 -7.05 2.05
CA VAL A 120 -6.69 -5.92 2.83
C VAL A 120 -5.91 -5.79 4.13
N ILE A 121 -5.71 -6.91 4.84
CA ILE A 121 -5.03 -6.84 6.14
C ILE A 121 -3.53 -6.62 5.96
N THR A 122 -2.95 -7.16 4.89
CA THR A 122 -1.54 -6.90 4.58
C THR A 122 -1.33 -5.50 4.00
N THR A 123 -2.41 -4.77 3.71
CA THR A 123 -2.37 -3.47 3.03
C THR A 123 -1.63 -3.54 1.69
N ILE A 124 -1.44 -4.75 1.16
CA ILE A 124 -1.00 -4.89 -0.23
C ILE A 124 -2.08 -4.36 -1.17
N GLY A 125 -3.27 -4.96 -1.12
CA GLY A 125 -4.40 -4.50 -1.89
C GLY A 125 -4.08 -4.32 -3.36
N PHE A 126 -3.85 -5.44 -4.07
CA PHE A 126 -3.45 -5.38 -5.47
C PHE A 126 -4.35 -4.46 -6.30
N GLY A 127 -5.61 -4.30 -5.91
CA GLY A 127 -6.51 -3.39 -6.58
C GLY A 127 -7.28 -3.98 -7.74
N ASN A 128 -7.01 -5.24 -8.09
CA ASN A 128 -7.74 -5.89 -9.16
C ASN A 128 -9.23 -6.04 -8.83
N ILE A 129 -9.53 -6.64 -7.69
CA ILE A 129 -10.91 -6.86 -7.26
C ILE A 129 -11.18 -6.00 -6.03
N SER A 130 -12.24 -5.20 -6.10
CA SER A 130 -12.72 -4.38 -4.98
C SER A 130 -14.21 -4.58 -4.79
N PRO A 131 -14.71 -4.37 -3.57
CA PRO A 131 -16.13 -4.56 -3.30
C PRO A 131 -16.97 -3.44 -3.87
N ARG A 132 -18.13 -3.85 -4.34
CA ARG A 132 -19.02 -2.99 -5.07
C ARG A 132 -20.30 -2.75 -4.30
N THR A 133 -20.74 -3.74 -3.53
CA THR A 133 -21.90 -3.58 -2.68
C THR A 133 -21.59 -2.62 -1.54
N GLU A 134 -22.55 -1.74 -1.26
CA GLU A 134 -22.39 -0.77 -0.17
C GLU A 134 -22.16 -1.47 1.16
N GLY A 135 -22.69 -2.68 1.33
CA GLY A 135 -22.39 -3.45 2.52
C GLY A 135 -21.03 -4.10 2.49
N GLY A 136 -20.50 -4.37 1.30
CA GLY A 136 -19.15 -4.89 1.20
C GLY A 136 -18.09 -3.84 1.46
N LYS A 137 -18.42 -2.57 1.20
CA LYS A 137 -17.51 -1.49 1.54
C LYS A 137 -17.53 -1.21 3.04
N ILE A 138 -18.72 -1.17 3.64
CA ILE A 138 -18.82 -0.96 5.08
C ILE A 138 -18.17 -2.12 5.83
N PHE A 139 -18.29 -3.34 5.31
CA PHE A 139 -17.57 -4.45 5.90
C PHE A 139 -16.06 -4.30 5.71
N CYS A 140 -15.65 -3.95 4.49
CA CYS A 140 -14.21 -3.81 4.20
C CYS A 140 -13.57 -2.75 5.08
N ILE A 141 -14.30 -1.66 5.38
CA ILE A 141 -13.79 -0.63 6.28
C ILE A 141 -13.58 -1.21 7.68
N ILE A 142 -14.58 -1.90 8.21
CA ILE A 142 -14.44 -2.55 9.50
C ILE A 142 -13.43 -3.69 9.42
N TYR A 143 -13.49 -4.48 8.35
CA TYR A 143 -12.57 -5.60 8.19
C TYR A 143 -11.12 -5.15 8.14
N ALA A 144 -10.87 -3.96 7.60
CA ALA A 144 -9.51 -3.43 7.55
C ALA A 144 -9.10 -2.85 8.89
N LEU A 145 -9.93 -1.99 9.47
CA LEU A 145 -9.59 -1.34 10.73
C LEU A 145 -9.32 -2.34 11.84
N LEU A 146 -9.89 -3.55 11.75
CA LEU A 146 -9.62 -4.61 12.71
C LEU A 146 -8.56 -5.58 12.23
N GLY A 147 -8.48 -5.83 10.92
CA GLY A 147 -7.54 -6.81 10.40
C GLY A 147 -6.12 -6.33 10.28
N ILE A 148 -5.93 -5.05 9.97
CA ILE A 148 -4.58 -4.51 9.85
C ILE A 148 -3.83 -4.59 11.16
N PRO A 149 -4.37 -4.16 12.31
CA PRO A 149 -3.62 -4.35 13.57
C PRO A 149 -3.44 -5.82 13.94
N LEU A 150 -4.49 -6.64 13.76
CA LEU A 150 -4.37 -8.07 14.01
C LEU A 150 -3.24 -8.69 13.22
N PHE A 151 -3.28 -8.55 11.89
CA PHE A 151 -2.20 -9.08 11.06
C PHE A 151 -0.86 -8.48 11.45
N GLY A 152 -0.85 -7.24 11.91
CA GLY A 152 0.40 -6.64 12.39
C GLY A 152 1.05 -7.45 13.50
N PHE A 153 0.23 -7.96 14.42
CA PHE A 153 0.77 -8.81 15.49
C PHE A 153 1.33 -10.12 14.93
N LEU A 154 0.65 -10.70 13.94
CA LEU A 154 1.18 -11.90 13.29
C LEU A 154 2.51 -11.61 12.63
N LEU A 155 2.57 -10.54 11.84
CA LEU A 155 3.82 -10.18 11.17
C LEU A 155 4.92 -9.88 12.20
N ALA A 156 4.55 -9.27 13.34
CA ALA A 156 5.53 -8.99 14.37
C ALA A 156 6.07 -10.28 14.98
N GLY A 157 5.18 -11.23 15.28
CA GLY A 157 5.63 -12.50 15.81
C GLY A 157 6.48 -13.29 14.83
N VAL A 158 6.04 -13.34 13.57
CA VAL A 158 6.85 -13.98 12.53
C VAL A 158 8.19 -13.26 12.38
N GLY A 159 8.21 -11.95 12.61
CA GLY A 159 9.47 -11.21 12.60
C GLY A 159 10.41 -11.64 13.70
N ASP A 160 9.95 -11.61 14.95
CA ASP A 160 10.79 -12.06 16.06
C ASP A 160 11.14 -13.54 15.93
N GLN A 161 10.16 -14.36 15.52
CA GLN A 161 10.43 -15.76 15.24
C GLN A 161 11.58 -15.90 14.24
N LEU A 162 11.48 -15.20 13.11
CA LEU A 162 12.48 -15.32 12.07
C LEU A 162 13.79 -14.62 12.46
N GLY A 163 13.72 -13.63 13.34
CA GLY A 163 14.93 -12.92 13.73
C GLY A 163 15.85 -13.76 14.59
N THR A 164 15.29 -14.57 15.49
CA THR A 164 16.11 -15.45 16.31
C THR A 164 16.61 -16.64 15.50
N ILE A 165 15.83 -17.12 14.54
CA ILE A 165 16.32 -18.14 13.61
C ILE A 165 17.54 -17.64 12.87
N PHE A 166 17.52 -16.36 12.47
CA PHE A 166 18.71 -15.75 11.88
C PHE A 166 19.82 -15.60 12.91
N GLY A 167 19.47 -15.30 14.16
CA GLY A 167 20.47 -15.23 15.21
C GLY A 167 21.18 -16.55 15.44
N LYS A 168 20.45 -17.67 15.28
CA LYS A 168 21.10 -18.97 15.35
C LYS A 168 22.12 -19.14 14.23
N GLY A 169 21.78 -18.70 13.02
CA GLY A 169 22.65 -18.87 11.88
C GLY A 169 23.90 -18.00 11.91
N ILE A 170 23.88 -16.90 12.64
CA ILE A 170 25.03 -16.01 12.71
C ILE A 170 25.91 -16.27 13.94
N ALA A 171 25.36 -16.88 14.99
CA ALA A 171 26.19 -17.25 16.13
C ALA A 171 27.20 -18.33 15.75
N LYS A 172 26.81 -19.24 14.86
CA LYS A 172 27.76 -20.24 14.36
C LYS A 172 28.77 -19.62 13.42
N VAL A 173 28.30 -18.69 12.57
CA VAL A 173 29.18 -18.08 11.58
C VAL A 173 30.11 -17.04 12.22
N GLU A 174 29.67 -16.39 13.29
CA GLU A 174 30.53 -15.46 14.02
C GLU A 174 31.41 -16.14 15.06
N ASP A 175 31.62 -17.46 14.93
CA ASP A 175 32.64 -18.16 15.68
C ASP A 175 33.63 -18.92 14.80
N THR A 176 33.26 -19.25 13.55
CA THR A 176 34.13 -20.06 12.71
C THR A 176 35.31 -19.27 12.17
N PHE A 177 35.09 -18.03 11.70
CA PHE A 177 36.18 -17.23 11.15
C PHE A 177 36.36 -15.90 11.87
N ILE A 178 35.84 -15.76 13.09
CA ILE A 178 36.08 -14.55 13.86
C ILE A 178 37.27 -14.72 14.79
N LYS A 179 37.46 -15.91 15.35
CA LYS A 179 38.69 -16.22 16.04
C LYS A 179 39.74 -16.65 15.02
N GLN A 184 36.34 -6.13 15.31
CA GLN A 184 34.98 -6.64 15.47
C GLN A 184 33.93 -5.58 15.14
N THR A 185 34.38 -4.33 14.99
CA THR A 185 33.46 -3.29 14.55
C THR A 185 33.18 -3.41 13.05
N LYS A 186 34.19 -3.76 12.26
CA LYS A 186 33.95 -4.03 10.84
C LYS A 186 33.42 -5.44 10.59
N ILE A 187 33.53 -6.35 11.56
CA ILE A 187 32.95 -7.67 11.40
C ILE A 187 31.43 -7.59 11.23
N ARG A 188 30.79 -6.60 11.88
CA ARG A 188 29.35 -6.46 11.79
C ARG A 188 28.88 -6.18 10.36
N ILE A 189 29.79 -5.76 9.47
CA ILE A 189 29.41 -5.53 8.08
C ILE A 189 29.35 -6.84 7.30
N ILE A 190 30.34 -7.72 7.52
CA ILE A 190 30.34 -9.00 6.82
C ILE A 190 29.06 -9.78 7.12
N SER A 191 28.55 -9.67 8.35
CA SER A 191 27.31 -10.35 8.70
C SER A 191 26.12 -9.75 7.97
N THR A 192 26.08 -8.41 7.86
CA THR A 192 24.98 -7.77 7.14
C THR A 192 25.07 -7.98 5.65
N ILE A 193 26.24 -8.36 5.13
CA ILE A 193 26.34 -8.74 3.72
C ILE A 193 25.67 -10.09 3.49
N ILE A 194 25.85 -11.02 4.43
CA ILE A 194 25.26 -12.35 4.30
C ILE A 194 23.76 -12.32 4.55
N PHE A 195 23.27 -11.35 5.33
CA PHE A 195 21.83 -11.17 5.48
C PHE A 195 21.18 -10.80 4.14
N ILE A 196 21.61 -9.70 3.54
CA ILE A 196 21.07 -9.26 2.27
C ILE A 196 21.32 -10.32 1.20
N LEU A 197 22.46 -11.01 1.26
CA LEU A 197 22.73 -12.10 0.34
C LEU A 197 21.72 -13.22 0.51
N PHE A 198 21.65 -13.80 1.70
CA PHE A 198 20.86 -15.01 1.89
C PHE A 198 19.38 -14.72 1.84
N GLY A 199 18.98 -13.49 2.19
CA GLY A 199 17.59 -13.09 2.11
C GLY A 199 17.11 -12.82 0.69
N CYS A 200 17.86 -12.02 -0.06
CA CYS A 200 17.52 -11.77 -1.46
C CYS A 200 17.63 -13.04 -2.32
N VAL A 201 18.21 -14.10 -1.79
CA VAL A 201 18.09 -15.41 -2.43
C VAL A 201 16.73 -16.03 -2.12
N LEU A 202 16.44 -16.23 -0.84
CA LEU A 202 15.21 -16.93 -0.45
C LEU A 202 13.96 -16.13 -0.76
N PHE A 203 14.00 -14.81 -0.57
CA PHE A 203 12.79 -14.01 -0.63
C PHE A 203 12.68 -13.14 -1.87
N VAL A 204 13.70 -13.10 -2.71
CA VAL A 204 13.68 -12.29 -3.93
C VAL A 204 14.00 -13.16 -5.14
N ALA A 205 15.11 -13.88 -5.08
CA ALA A 205 15.56 -14.67 -6.23
C ALA A 205 14.76 -15.97 -6.35
N LEU A 206 14.79 -16.81 -5.33
CA LEU A 206 14.07 -18.07 -5.38
C LEU A 206 12.57 -17.92 -5.66
N PRO A 207 11.82 -17.08 -4.95
CA PRO A 207 10.35 -17.12 -5.09
C PRO A 207 9.83 -16.67 -6.45
N ALA A 208 10.72 -16.26 -7.37
CA ALA A 208 10.29 -16.08 -8.76
C ALA A 208 9.60 -17.32 -9.28
N VAL A 209 10.10 -18.49 -8.90
CA VAL A 209 9.43 -19.74 -9.23
C VAL A 209 8.15 -19.88 -8.42
N ILE A 210 8.22 -19.60 -7.11
CA ILE A 210 7.08 -19.83 -6.24
C ILE A 210 6.00 -18.79 -6.49
N PHE A 211 6.37 -17.52 -6.67
CA PHE A 211 5.36 -16.50 -6.86
C PHE A 211 4.99 -16.42 -8.34
N SER A 218 9.62 -12.89 -16.96
CA SER A 218 11.01 -12.59 -17.30
C SER A 218 11.89 -12.61 -16.06
N ALA A 219 13.14 -12.17 -16.22
CA ALA A 219 14.08 -12.15 -15.10
C ALA A 219 13.89 -10.93 -14.22
N LEU A 220 13.70 -9.75 -14.83
CA LEU A 220 13.49 -8.53 -14.07
C LEU A 220 12.10 -8.51 -13.42
N ASP A 221 11.07 -8.78 -14.21
CA ASP A 221 9.69 -8.64 -13.76
C ASP A 221 9.37 -9.51 -12.54
N ALA A 222 10.22 -10.49 -12.23
CA ALA A 222 10.06 -11.23 -10.99
C ALA A 222 10.55 -10.43 -9.79
N ILE A 223 11.77 -9.92 -9.88
CA ILE A 223 12.30 -9.04 -8.82
C ILE A 223 11.39 -7.82 -8.66
N TYR A 224 10.93 -7.25 -9.78
CA TYR A 224 9.99 -6.14 -9.71
C TYR A 224 8.69 -6.57 -9.01
N PHE A 225 8.16 -7.74 -9.39
CA PHE A 225 7.01 -8.29 -8.68
C PHE A 225 7.27 -8.40 -7.18
N VAL A 226 8.39 -9.03 -6.81
CA VAL A 226 8.68 -9.30 -5.41
C VAL A 226 8.74 -8.00 -4.61
N VAL A 227 9.52 -7.03 -5.10
CA VAL A 227 9.75 -5.81 -4.33
C VAL A 227 8.44 -5.04 -4.15
N ILE A 228 7.69 -4.84 -5.23
CA ILE A 228 6.47 -4.05 -5.15
C ILE A 228 5.46 -4.73 -4.22
N THR A 229 5.41 -6.06 -4.23
CA THR A 229 4.48 -6.77 -3.37
C THR A 229 4.90 -6.70 -1.90
N LEU A 230 6.15 -7.08 -1.62
CA LEU A 230 6.56 -7.21 -0.22
C LEU A 230 6.82 -5.87 0.46
N THR A 231 7.03 -4.80 -0.31
CA THR A 231 7.00 -3.46 0.25
C THR A 231 5.59 -2.97 0.49
N THR A 232 4.57 -3.79 0.20
CA THR A 232 3.16 -3.46 0.39
C THR A 232 2.74 -2.22 -0.39
N ILE A 233 3.39 -1.96 -1.52
CA ILE A 233 2.98 -0.83 -2.36
C ILE A 233 1.66 -1.14 -3.05
N GLY A 234 1.50 -2.37 -3.52
CA GLY A 234 0.31 -2.75 -4.28
C GLY A 234 0.68 -2.97 -5.73
N PHE A 235 0.86 -4.24 -6.10
CA PHE A 235 1.42 -4.61 -7.39
C PHE A 235 0.27 -4.87 -8.37
N GLY A 236 -0.23 -3.80 -8.97
CA GLY A 236 -1.43 -3.88 -9.78
C GLY A 236 -1.26 -4.47 -11.16
N ASP A 237 -0.15 -4.14 -11.85
CA ASP A 237 -0.04 -4.44 -13.27
C ASP A 237 -0.03 -5.93 -13.57
N TYR A 238 0.56 -6.75 -12.70
CA TYR A 238 0.38 -8.19 -12.73
C TYR A 238 -0.21 -8.61 -11.38
N VAL A 239 -0.70 -9.84 -11.30
CA VAL A 239 -1.08 -10.41 -10.01
C VAL A 239 -0.63 -11.87 -9.94
N LEU A 248 -2.86 -25.20 -9.84
CA LEU A 248 -3.21 -25.94 -8.64
C LEU A 248 -3.53 -25.00 -7.48
N ASP A 249 -4.60 -25.31 -6.75
CA ASP A 249 -5.04 -24.46 -5.65
C ASP A 249 -4.26 -24.67 -4.36
N PHE A 250 -3.53 -25.78 -4.22
CA PHE A 250 -2.83 -26.07 -2.97
C PHE A 250 -1.49 -25.26 -2.87
N TYR A 251 -1.46 -24.38 -3.86
CA TYR A 251 -0.36 -23.47 -4.16
C TYR A 251 -0.33 -22.28 -3.20
N LYS A 252 -1.46 -21.56 -3.07
CA LYS A 252 -1.61 -20.40 -2.19
C LYS A 252 -1.43 -20.65 -0.69
N PRO A 253 -1.67 -21.86 -0.15
CA PRO A 253 -1.31 -22.07 1.25
C PRO A 253 0.17 -21.94 1.55
N VAL A 254 1.03 -22.30 0.59
CA VAL A 254 2.48 -22.17 0.80
C VAL A 254 2.97 -20.83 0.29
N VAL A 255 2.39 -20.33 -0.81
CA VAL A 255 2.79 -19.04 -1.35
C VAL A 255 2.48 -17.92 -0.35
N TRP A 256 1.31 -17.98 0.28
CA TRP A 256 0.92 -16.89 1.17
C TRP A 256 1.76 -16.87 2.44
N PHE A 257 2.44 -17.96 2.77
CA PHE A 257 3.42 -17.98 3.86
C PHE A 257 4.77 -17.41 3.40
N TRP A 258 5.19 -17.68 2.17
CA TRP A 258 6.36 -16.96 1.67
C TRP A 258 6.11 -15.46 1.65
N ILE A 259 4.87 -15.05 1.38
CA ILE A 259 4.50 -13.65 1.53
C ILE A 259 4.63 -13.22 2.99
N LEU A 260 4.09 -14.05 3.90
CA LEU A 260 4.10 -13.70 5.32
C LEU A 260 5.52 -13.51 5.85
N VAL A 261 6.48 -14.28 5.34
CA VAL A 261 7.85 -14.15 5.79
C VAL A 261 8.61 -13.12 4.97
N GLY A 262 8.34 -13.05 3.67
CA GLY A 262 8.93 -12.00 2.85
C GLY A 262 8.52 -10.61 3.30
N LEU A 263 7.28 -10.46 3.74
CA LEU A 263 6.85 -9.20 4.35
C LEU A 263 7.68 -8.90 5.58
N ALA A 264 7.93 -9.91 6.42
CA ALA A 264 8.80 -9.71 7.57
C ALA A 264 10.23 -9.43 7.12
N TYR A 265 10.65 -10.00 6.00
CA TYR A 265 12.01 -9.77 5.52
C TYR A 265 12.21 -8.33 5.06
N PHE A 266 11.32 -7.83 4.18
CA PHE A 266 11.47 -6.44 3.75
C PHE A 266 11.20 -5.46 4.89
N ALA A 267 10.31 -5.83 5.82
CA ALA A 267 10.09 -4.97 6.98
C ALA A 267 11.41 -4.72 7.70
N ALA A 268 12.26 -5.74 7.81
CA ALA A 268 13.59 -5.55 8.37
C ALA A 268 14.49 -4.81 7.39
N VAL A 269 14.47 -5.21 6.11
CA VAL A 269 15.31 -4.58 5.10
C VAL A 269 15.03 -3.07 5.02
N LEU A 270 13.76 -2.71 4.90
CA LEU A 270 13.39 -1.30 4.87
C LEU A 270 13.87 -0.57 6.11
N SER A 271 13.85 -1.23 7.27
CA SER A 271 14.26 -0.59 8.51
C SER A 271 15.77 -0.41 8.57
N MET A 272 16.53 -1.39 8.04
CA MET A 272 17.97 -1.22 7.94
C MET A 272 18.31 -0.04 7.03
N ILE A 273 17.72 -0.04 5.83
CA ILE A 273 17.94 1.08 4.89
C ILE A 273 17.61 2.40 5.57
N GLY A 274 16.55 2.42 6.38
CA GLY A 274 16.26 3.61 7.17
C GLY A 274 17.35 3.92 8.17
N ASP A 275 17.92 2.87 8.78
CA ASP A 275 19.01 3.09 9.74
C ASP A 275 20.27 3.58 9.05
N TRP A 276 20.53 3.11 7.83
CA TRP A 276 21.64 3.66 7.06
C TRP A 276 21.41 5.13 6.75
N LEU A 277 20.15 5.56 6.68
CA LEU A 277 19.87 6.96 6.40
C LEU A 277 20.10 7.85 7.61
N ARG A 278 19.80 7.34 8.82
CA ARG A 278 20.15 8.09 10.03
C ARG A 278 21.66 8.31 10.09
N VAL A 279 22.44 7.29 9.69
CA VAL A 279 23.89 7.43 9.65
C VAL A 279 24.29 8.51 8.65
N ILE A 280 23.89 8.33 7.39
CA ILE A 280 24.28 9.25 6.33
C ILE A 280 23.71 10.65 6.57
N ALA A 281 22.57 10.75 7.26
CA ALA A 281 22.06 12.06 7.64
C ALA A 281 23.00 12.77 8.60
N LYS A 282 23.70 12.02 9.44
CA LYS A 282 24.63 12.64 10.39
C LYS A 282 25.95 12.99 9.72
N LYS A 283 26.46 12.11 8.84
CA LYS A 283 27.69 12.40 8.13
C LYS A 283 27.54 13.66 7.27
N THR A 284 26.42 13.79 6.56
CA THR A 284 26.19 14.99 5.77
C THR A 284 25.92 16.20 6.65
N LYS A 285 25.36 15.99 7.85
CA LYS A 285 25.17 17.10 8.77
C LYS A 285 26.50 17.60 9.29
N GLU A 286 27.42 16.69 9.63
CA GLU A 286 28.71 17.10 10.17
C GLU A 286 29.62 17.64 9.06
N ALA A 287 29.51 17.11 7.85
CA ALA A 287 30.35 17.57 6.75
C ALA A 287 30.04 19.02 6.41
N VAL A 288 28.76 19.33 6.18
CA VAL A 288 28.36 20.72 6.01
C VAL A 288 28.79 21.55 7.22
N GLY A 289 28.76 20.94 8.41
CA GLY A 289 29.21 21.65 9.60
C GLY A 289 30.66 22.08 9.52
N GLU A 290 31.53 21.22 9.01
CA GLU A 290 32.94 21.58 8.89
C GLU A 290 33.14 22.65 7.82
N PHE A 291 32.60 22.41 6.62
CA PHE A 291 32.79 23.33 5.51
C PHE A 291 32.16 24.70 5.76
N ARG A 292 31.18 24.79 6.67
CA ARG A 292 30.75 26.10 7.14
C ARG A 292 31.76 26.70 8.13
N ALA A 293 32.39 25.85 8.94
CA ALA A 293 33.32 26.34 9.96
C ALA A 293 34.60 26.88 9.31
N HIS A 294 35.07 26.25 8.24
CA HIS A 294 36.28 26.73 7.59
C HIS A 294 36.01 27.90 6.65
N ALA A 295 34.83 27.93 6.03
CA ALA A 295 34.48 29.09 5.20
C ALA A 295 34.28 30.34 6.05
N ALA A 296 33.81 30.18 7.28
CA ALA A 296 33.71 31.30 8.20
C ALA A 296 35.09 31.76 8.66
N GLU A 297 35.93 30.80 9.06
CA GLU A 297 37.36 31.05 9.23
C GLU A 297 37.93 31.89 8.09
N TRP A 298 37.75 31.37 6.87
CA TRP A 298 38.37 31.94 5.70
C TRP A 298 37.89 33.37 5.47
N THR A 299 36.57 33.58 5.49
CA THR A 299 36.01 34.92 5.28
C THR A 299 36.53 35.90 6.32
N ALA A 300 36.89 35.42 7.51
CA ALA A 300 37.42 36.30 8.55
C ALA A 300 38.86 36.70 8.27
N ASN A 301 39.70 35.74 7.88
CA ASN A 301 41.11 36.05 7.66
C ASN A 301 41.31 36.93 6.43
N VAL A 302 40.54 36.69 5.37
CA VAL A 302 40.74 37.45 4.14
C VAL A 302 40.38 38.92 4.33
N THR A 303 39.48 39.22 5.26
CA THR A 303 39.16 40.62 5.55
C THR A 303 40.22 41.24 6.45
N SER A 304 40.64 40.51 7.49
CA SER A 304 41.66 40.96 8.43
C SER A 304 41.35 42.35 8.99
N SER B 16 15.77 -21.21 30.22
CA SER B 16 15.15 -19.89 30.37
C SER B 16 15.39 -19.03 29.14
N ASP B 17 16.52 -19.23 28.48
CA ASP B 17 16.85 -18.43 27.31
C ASP B 17 16.19 -18.99 26.04
N SER B 18 16.06 -20.31 25.95
CA SER B 18 15.24 -20.95 24.92
C SER B 18 13.97 -21.54 25.50
N ALA B 19 13.54 -21.06 26.68
CA ALA B 19 12.26 -21.41 27.25
C ALA B 19 11.21 -20.33 27.06
N ILE B 20 11.62 -19.05 27.05
CA ILE B 20 10.70 -17.99 26.69
C ILE B 20 10.37 -18.06 25.20
N ASN B 21 11.29 -18.60 24.39
CA ASN B 21 10.99 -18.82 22.97
C ASN B 21 9.89 -19.85 22.79
N VAL B 22 9.86 -20.87 23.66
CA VAL B 22 8.75 -21.81 23.67
C VAL B 22 7.46 -21.08 24.01
N MET B 23 7.55 -20.07 24.89
CA MET B 23 6.37 -19.31 25.27
C MET B 23 5.92 -18.40 24.13
N LYS B 24 6.87 -17.98 23.28
CA LYS B 24 6.55 -17.11 22.16
C LYS B 24 5.88 -17.86 21.02
N TRP B 25 6.47 -18.99 20.60
CA TRP B 25 5.95 -19.70 19.45
C TRP B 25 4.49 -20.07 19.64
N LYS B 26 4.12 -20.47 20.86
CA LYS B 26 2.73 -20.73 21.18
C LYS B 26 1.87 -19.50 20.90
N THR B 27 2.32 -18.33 21.37
CA THR B 27 1.58 -17.10 21.14
C THR B 27 1.56 -16.75 19.65
N VAL B 28 2.62 -17.07 18.92
CA VAL B 28 2.66 -16.78 17.48
C VAL B 28 1.67 -17.67 16.73
N SER B 29 1.74 -18.98 16.95
CA SER B 29 0.89 -19.91 16.22
C SER B 29 -0.59 -19.67 16.50
N THR B 30 -0.92 -19.22 17.72
CA THR B 30 -2.32 -18.88 18.01
C THR B 30 -2.76 -17.64 17.25
N ILE B 31 -1.92 -16.60 17.23
CA ILE B 31 -2.21 -15.42 16.41
C ILE B 31 -2.34 -15.81 14.95
N PHE B 32 -1.52 -16.77 14.50
CA PHE B 32 -1.63 -17.26 13.12
C PHE B 32 -3.04 -17.79 12.85
N LEU B 33 -3.53 -18.70 13.70
CA LEU B 33 -4.85 -19.28 13.48
C LEU B 33 -5.94 -18.23 13.59
N VAL B 34 -5.80 -17.28 14.52
CA VAL B 34 -6.74 -16.17 14.60
C VAL B 34 -6.78 -15.41 13.27
N VAL B 35 -5.61 -15.15 12.69
CA VAL B 35 -5.57 -14.51 11.38
C VAL B 35 -6.23 -15.38 10.31
N VAL B 36 -5.97 -16.69 10.36
CA VAL B 36 -6.55 -17.59 9.36
C VAL B 36 -8.07 -17.57 9.45
N LEU B 37 -8.62 -17.77 10.65
CA LEU B 37 -10.05 -17.63 10.85
C LEU B 37 -10.55 -16.27 10.40
N TYR B 38 -9.82 -15.21 10.75
CA TYR B 38 -10.24 -13.86 10.39
C TYR B 38 -10.38 -13.73 8.88
N LEU B 39 -9.49 -14.38 8.14
CA LEU B 39 -9.56 -14.37 6.69
C LEU B 39 -10.66 -15.28 6.17
N ILE B 40 -10.84 -16.45 6.80
CA ILE B 40 -11.91 -17.36 6.41
C ILE B 40 -13.27 -16.71 6.64
N ILE B 41 -13.44 -16.07 7.79
CA ILE B 41 -14.67 -15.34 8.07
C ILE B 41 -14.86 -14.20 7.08
N GLY B 42 -13.80 -13.42 6.86
CA GLY B 42 -13.87 -12.32 5.91
C GLY B 42 -14.20 -12.77 4.51
N ALA B 43 -13.56 -13.85 4.05
CA ALA B 43 -13.83 -14.40 2.73
C ALA B 43 -15.31 -14.67 2.53
N THR B 44 -15.89 -15.49 3.43
CA THR B 44 -17.29 -15.86 3.31
C THR B 44 -18.20 -14.65 3.36
N VAL B 45 -17.82 -13.60 4.08
CA VAL B 45 -18.66 -12.42 4.17
C VAL B 45 -18.59 -11.60 2.88
N PHE B 46 -17.40 -11.48 2.28
CA PHE B 46 -17.30 -10.77 1.01
C PHE B 46 -18.02 -11.53 -0.11
N LYS B 47 -17.77 -12.83 -0.23
CA LYS B 47 -18.46 -13.58 -1.28
C LYS B 47 -19.96 -13.66 -1.03
N ALA B 48 -20.41 -13.51 0.22
CA ALA B 48 -21.84 -13.40 0.47
C ALA B 48 -22.38 -12.08 -0.09
N LEU B 49 -21.59 -11.03 -0.03
CA LEU B 49 -22.01 -9.69 -0.44
C LEU B 49 -21.74 -9.42 -1.92
N GLU B 50 -20.73 -10.07 -2.51
CA GLU B 50 -20.27 -9.68 -3.84
C GLU B 50 -20.54 -10.71 -4.93
N GLN B 51 -20.64 -11.99 -4.57
CA GLN B 51 -21.04 -13.01 -5.56
C GLN B 51 -22.36 -12.66 -6.24
N PRO B 52 -23.39 -12.13 -5.56
CA PRO B 52 -24.62 -11.75 -6.27
C PRO B 52 -24.42 -10.64 -7.29
N GLN B 53 -23.78 -9.53 -6.90
CA GLN B 53 -23.50 -8.46 -7.86
C GLN B 53 -22.76 -8.97 -9.09
N GLU B 54 -21.85 -9.92 -8.90
CA GLU B 54 -21.07 -10.45 -10.02
C GLU B 54 -21.96 -11.14 -11.04
N ILE B 55 -22.69 -12.16 -10.58
CA ILE B 55 -23.49 -12.99 -11.51
C ILE B 55 -24.50 -12.14 -12.25
N SER B 56 -25.13 -11.19 -11.57
CA SER B 56 -26.10 -10.31 -12.22
C SER B 56 -25.43 -9.52 -13.35
N GLN B 57 -24.27 -8.91 -13.06
CA GLN B 57 -23.56 -8.17 -14.08
C GLN B 57 -22.91 -9.10 -15.11
N ARG B 58 -22.45 -10.27 -14.66
CA ARG B 58 -21.80 -11.22 -15.57
C ARG B 58 -22.79 -11.76 -16.60
N THR B 59 -24.03 -12.03 -16.18
CA THR B 59 -25.02 -12.51 -17.14
C THR B 59 -25.42 -11.41 -18.12
N THR B 60 -25.52 -10.17 -17.64
CA THR B 60 -25.87 -9.06 -18.52
C THR B 60 -24.70 -8.60 -19.40
N ILE B 61 -23.50 -9.09 -19.16
CA ILE B 61 -22.39 -8.77 -20.07
C ILE B 61 -22.31 -9.82 -21.17
N VAL B 62 -22.79 -11.03 -20.92
CA VAL B 62 -22.92 -12.04 -21.98
C VAL B 62 -24.07 -11.68 -22.90
N ILE B 63 -25.13 -11.05 -22.37
CA ILE B 63 -26.23 -10.58 -23.20
C ILE B 63 -25.74 -9.53 -24.18
N GLN B 64 -24.93 -8.59 -23.69
CA GLN B 64 -24.45 -7.51 -24.54
C GLN B 64 -23.46 -7.98 -25.59
N ARG B 65 -22.82 -9.14 -25.38
CA ARG B 65 -22.04 -9.76 -26.45
C ARG B 65 -22.97 -10.35 -27.51
N GLU B 66 -23.87 -11.26 -27.10
CA GLU B 66 -24.74 -11.93 -28.05
C GLU B 66 -25.81 -11.02 -28.64
N LYS B 67 -25.98 -9.81 -28.10
CA LYS B 67 -26.79 -8.83 -28.81
C LYS B 67 -25.95 -8.08 -29.85
N PHE B 68 -24.65 -7.92 -29.59
CA PHE B 68 -23.78 -7.27 -30.55
C PHE B 68 -23.36 -8.22 -31.67
N LEU B 69 -23.33 -9.53 -31.40
CA LEU B 69 -22.95 -10.49 -32.42
C LEU B 69 -24.08 -10.72 -33.43
N ARG B 70 -25.32 -10.83 -32.94
CA ARG B 70 -26.44 -10.95 -33.86
C ARG B 70 -26.69 -9.66 -34.62
N ALA B 71 -26.52 -8.51 -33.96
CA ALA B 71 -26.78 -7.23 -34.62
C ALA B 71 -25.77 -6.92 -35.71
N HIS B 72 -24.65 -7.62 -35.76
CA HIS B 72 -23.63 -7.42 -36.79
C HIS B 72 -23.04 -8.77 -37.16
N PRO B 73 -23.70 -9.50 -38.07
CA PRO B 73 -23.14 -10.79 -38.50
C PRO B 73 -21.83 -10.66 -39.23
N CYS B 74 -21.61 -9.54 -39.92
CA CYS B 74 -20.42 -9.34 -40.74
C CYS B 74 -19.25 -8.73 -39.98
N VAL B 75 -19.26 -8.80 -38.65
CA VAL B 75 -18.05 -8.60 -37.86
C VAL B 75 -17.45 -9.98 -37.60
N SER B 76 -16.16 -10.01 -37.31
CA SER B 76 -15.48 -11.28 -37.05
C SER B 76 -15.95 -11.84 -35.72
N ASP B 77 -16.95 -12.73 -35.77
CA ASP B 77 -17.51 -13.35 -34.57
C ASP B 77 -16.42 -13.92 -33.67
N GLN B 78 -15.53 -14.74 -34.26
CA GLN B 78 -14.54 -15.44 -33.46
C GLN B 78 -13.45 -14.49 -32.96
N GLU B 79 -13.15 -13.45 -33.72
CA GLU B 79 -12.05 -12.55 -33.43
C GLU B 79 -12.49 -11.29 -32.69
N LEU B 80 -13.77 -11.21 -32.29
CA LEU B 80 -14.23 -10.03 -31.55
C LEU B 80 -13.63 -10.00 -30.15
N ASP B 81 -13.54 -11.16 -29.49
CA ASP B 81 -12.91 -11.21 -28.18
C ASP B 81 -11.43 -10.88 -28.27
N GLU B 82 -10.81 -11.19 -29.42
CA GLU B 82 -9.43 -10.80 -29.66
C GLU B 82 -9.29 -9.29 -29.78
N LEU B 83 -10.37 -8.59 -30.16
CA LEU B 83 -10.40 -7.13 -30.06
C LEU B 83 -10.56 -6.68 -28.61
N ILE B 84 -11.50 -7.31 -27.89
CA ILE B 84 -11.78 -6.92 -26.51
C ILE B 84 -10.56 -7.13 -25.64
N GLN B 85 -9.84 -8.24 -25.82
CA GLN B 85 -8.59 -8.46 -25.09
C GLN B 85 -7.59 -7.34 -25.36
N GLN B 86 -7.35 -7.04 -26.63
CA GLN B 86 -6.39 -5.99 -26.99
C GLN B 86 -6.84 -4.62 -26.52
N ILE B 87 -8.15 -4.42 -26.33
CA ILE B 87 -8.62 -3.20 -25.68
C ILE B 87 -8.32 -3.26 -24.19
N VAL B 88 -8.66 -4.37 -23.54
CA VAL B 88 -8.38 -4.53 -22.12
C VAL B 88 -6.88 -4.58 -21.86
N ALA B 89 -6.10 -5.12 -22.80
CA ALA B 89 -4.65 -5.03 -22.70
C ALA B 89 -4.20 -3.57 -22.76
N ALA B 90 -4.81 -2.78 -23.64
CA ALA B 90 -4.51 -1.35 -23.69
C ALA B 90 -5.02 -0.63 -22.45
N ILE B 91 -6.05 -1.17 -21.79
CA ILE B 91 -6.55 -0.57 -20.55
C ILE B 91 -5.51 -0.64 -19.45
N ASN B 92 -4.58 -1.59 -19.50
CA ASN B 92 -3.46 -1.59 -18.56
C ASN B 92 -2.60 -0.35 -18.67
N ALA B 93 -2.76 0.44 -19.73
CA ALA B 93 -2.25 1.79 -19.83
C ALA B 93 -3.42 2.77 -19.85
N GLY B 94 -3.16 4.02 -19.44
CA GLY B 94 -4.18 5.04 -19.46
C GLY B 94 -4.51 5.43 -20.90
N ILE B 95 -5.74 5.16 -21.33
CA ILE B 95 -6.10 5.25 -22.74
C ILE B 95 -7.48 5.87 -22.91
N ILE B 96 -7.65 6.57 -24.03
CA ILE B 96 -8.98 6.91 -24.56
C ILE B 96 -9.01 6.40 -26.00
N PRO B 97 -9.17 5.10 -26.24
CA PRO B 97 -9.18 4.62 -27.64
C PRO B 97 -10.54 4.84 -28.30
N LEU B 98 -10.77 6.08 -28.75
CA LEU B 98 -12.06 6.46 -29.30
C LEU B 98 -11.87 7.30 -30.56
N GLY B 99 -12.84 7.19 -31.47
CA GLY B 99 -12.88 8.08 -32.61
C GLY B 99 -13.16 9.52 -32.25
N ALA B 100 -13.74 9.76 -31.08
CA ALA B 100 -13.84 11.10 -30.52
C ALA B 100 -12.64 11.32 -29.61
N SER B 101 -11.85 12.34 -29.92
CA SER B 101 -10.59 12.63 -29.21
C SER B 101 -9.58 11.50 -29.37
N SER B 102 -9.17 11.27 -30.62
CA SER B 102 -8.03 10.40 -30.89
C SER B 102 -6.73 10.95 -30.31
N ASN B 103 -6.68 12.25 -30.04
CA ASN B 103 -5.58 12.88 -29.33
C ASN B 103 -5.94 13.02 -27.85
N GLN B 104 -4.94 12.89 -26.98
CA GLN B 104 -5.21 12.60 -25.58
C GLN B 104 -4.27 13.42 -24.69
N VAL B 105 -4.19 13.01 -23.43
CA VAL B 105 -3.31 13.61 -22.43
C VAL B 105 -2.36 12.51 -21.93
N SER B 106 -1.32 12.90 -21.19
CA SER B 106 -0.36 11.95 -20.64
C SER B 106 -0.68 11.66 -19.18
N HIS B 107 -0.61 10.39 -18.80
CA HIS B 107 -0.64 10.00 -17.40
C HIS B 107 0.74 10.03 -16.77
N TRP B 108 1.76 10.46 -17.51
CA TRP B 108 3.09 10.68 -16.97
C TRP B 108 3.51 12.14 -17.11
N ASP B 109 2.55 13.06 -17.00
CA ASP B 109 2.86 14.47 -17.19
C ASP B 109 3.65 14.98 -15.98
N LEU B 110 3.84 16.30 -15.91
CA LEU B 110 4.71 16.86 -14.89
C LEU B 110 4.23 16.51 -13.49
N GLY B 111 2.92 16.48 -13.27
CA GLY B 111 2.38 16.29 -11.94
C GLY B 111 1.87 14.89 -11.62
N SER B 112 1.47 14.14 -12.66
CA SER B 112 0.93 12.80 -12.42
C SER B 112 2.04 11.82 -12.03
N SER B 113 3.23 11.96 -12.60
CA SER B 113 4.36 11.14 -12.18
C SER B 113 4.78 11.47 -10.74
N PHE B 114 4.64 12.73 -10.35
CA PHE B 114 4.84 13.14 -8.95
C PHE B 114 3.70 12.69 -8.06
N PHE B 115 2.50 12.51 -8.60
CA PHE B 115 1.49 11.73 -7.90
C PHE B 115 1.93 10.28 -7.76
N PHE B 116 2.31 9.66 -8.87
CA PHE B 116 2.76 8.27 -8.86
C PHE B 116 3.90 8.05 -7.88
N ALA B 117 4.89 8.95 -7.87
CA ALA B 117 6.04 8.79 -7.00
C ALA B 117 5.63 8.74 -5.54
N GLY B 118 4.75 9.67 -5.14
CA GLY B 118 4.27 9.67 -3.77
C GLY B 118 3.58 8.38 -3.36
N THR B 119 2.75 7.84 -4.27
CA THR B 119 2.09 6.57 -3.99
C THR B 119 3.09 5.44 -3.75
N VAL B 120 4.28 5.56 -4.32
CA VAL B 120 5.30 4.52 -4.15
C VAL B 120 5.94 4.61 -2.77
N ILE B 121 6.32 5.81 -2.35
CA ILE B 121 7.00 5.96 -1.07
C ILE B 121 6.01 5.79 0.08
N THR B 122 4.74 6.16 -0.11
CA THR B 122 3.72 5.90 0.88
C THR B 122 3.23 4.46 0.85
N THR B 123 3.65 3.67 -0.13
CA THR B 123 3.18 2.31 -0.38
C THR B 123 1.66 2.26 -0.56
N ILE B 124 1.02 3.41 -0.81
CA ILE B 124 -0.37 3.39 -1.27
C ILE B 124 -0.44 2.71 -2.63
N GLY B 125 0.25 3.27 -3.62
CA GLY B 125 0.37 2.69 -4.95
C GLY B 125 -0.96 2.24 -5.53
N PHE B 126 -1.85 3.20 -5.84
CA PHE B 126 -3.20 2.89 -6.29
C PHE B 126 -3.26 1.83 -7.38
N GLY B 127 -2.18 1.67 -8.14
CA GLY B 127 -2.13 0.65 -9.16
C GLY B 127 -2.78 1.01 -10.47
N ASN B 128 -3.35 2.21 -10.56
CA ASN B 128 -3.91 2.68 -11.83
C ASN B 128 -2.84 2.76 -12.91
N ILE B 129 -1.76 3.48 -12.66
CA ILE B 129 -0.66 3.61 -13.61
C ILE B 129 0.60 3.02 -12.99
N SER B 130 1.25 2.09 -13.71
CA SER B 130 2.50 1.49 -13.31
C SER B 130 3.53 1.68 -14.42
N PRO B 131 4.83 1.66 -14.09
CA PRO B 131 5.84 1.85 -15.14
C PRO B 131 5.93 0.63 -16.06
N ARG B 132 6.03 0.91 -17.35
CA ARG B 132 6.13 -0.13 -18.37
C ARG B 132 7.54 -0.29 -18.91
N THR B 133 8.34 0.78 -18.89
CA THR B 133 9.73 0.69 -19.31
C THR B 133 10.53 -0.08 -18.27
N GLU B 134 11.32 -1.04 -18.73
CA GLU B 134 12.19 -1.77 -17.82
C GLU B 134 13.17 -0.86 -17.10
N GLY B 135 13.48 0.31 -17.67
CA GLY B 135 14.25 1.30 -16.94
C GLY B 135 13.45 2.03 -15.89
N GLY B 136 12.13 2.17 -16.11
CA GLY B 136 11.27 2.73 -15.09
C GLY B 136 10.95 1.76 -13.98
N LYS B 137 11.00 0.46 -14.27
CA LYS B 137 10.84 -0.55 -13.23
C LYS B 137 12.08 -0.62 -12.34
N ILE B 138 13.26 -0.70 -12.96
CA ILE B 138 14.51 -0.74 -12.20
C ILE B 138 14.68 0.51 -11.37
N PHE B 139 14.25 1.66 -11.89
CA PHE B 139 14.26 2.88 -11.08
C PHE B 139 13.25 2.79 -9.94
N CYS B 140 12.04 2.30 -10.22
CA CYS B 140 11.01 2.22 -9.19
C CYS B 140 11.43 1.32 -8.05
N ILE B 141 12.13 0.22 -8.35
CA ILE B 141 12.63 -0.66 -7.29
C ILE B 141 13.59 0.12 -6.38
N ILE B 142 14.59 0.77 -6.98
CA ILE B 142 15.53 1.57 -6.21
C ILE B 142 14.83 2.77 -5.57
N TYR B 143 13.93 3.41 -6.33
CA TYR B 143 13.22 4.57 -5.81
C TYR B 143 12.39 4.21 -4.59
N ALA B 144 11.83 2.99 -4.57
CA ALA B 144 11.02 2.55 -3.43
C ALA B 144 11.89 2.16 -2.24
N LEU B 145 12.86 1.28 -2.46
CA LEU B 145 13.74 0.82 -1.38
C LEU B 145 14.41 1.98 -0.67
N LEU B 146 14.60 3.11 -1.35
CA LEU B 146 15.13 4.30 -0.71
C LEU B 146 14.04 5.25 -0.25
N GLY B 147 12.95 5.35 -1.02
CA GLY B 147 11.93 6.33 -0.70
C GLY B 147 11.05 5.92 0.47
N ILE B 148 10.75 4.63 0.58
CA ILE B 148 9.92 4.16 1.69
C ILE B 148 10.55 4.48 3.05
N PRO B 149 11.83 4.16 3.30
CA PRO B 149 12.44 4.59 4.57
C PRO B 149 12.46 6.10 4.74
N LEU B 150 12.85 6.84 3.69
CA LEU B 150 12.88 8.30 3.76
C LEU B 150 11.53 8.86 4.18
N PHE B 151 10.48 8.49 3.45
CA PHE B 151 9.14 8.95 3.81
C PHE B 151 8.75 8.50 5.20
N GLY B 152 9.26 7.35 5.65
CA GLY B 152 8.98 6.88 7.00
C GLY B 152 9.39 7.88 8.07
N PHE B 153 10.57 8.49 7.90
CA PHE B 153 11.01 9.50 8.86
C PHE B 153 10.11 10.73 8.83
N LEU B 154 9.66 11.14 7.64
CA LEU B 154 8.73 12.25 7.54
C LEU B 154 7.43 11.94 8.27
N LEU B 155 6.86 10.76 8.00
CA LEU B 155 5.61 10.39 8.67
C LEU B 155 5.79 10.33 10.17
N ALA B 156 6.95 9.86 10.65
CA ALA B 156 7.23 9.85 12.08
C ALA B 156 7.35 11.26 12.63
N GLY B 157 8.05 12.14 11.90
CA GLY B 157 8.15 13.52 12.34
C GLY B 157 6.82 14.24 12.33
N VAL B 158 6.03 14.05 11.27
CA VAL B 158 4.68 14.61 11.22
C VAL B 158 3.84 14.05 12.36
N GLY B 159 4.05 12.79 12.72
CA GLY B 159 3.37 12.21 13.86
C GLY B 159 3.71 12.90 15.16
N ASP B 160 5.00 12.97 15.48
CA ASP B 160 5.44 13.67 16.68
C ASP B 160 5.05 15.14 16.64
N GLN B 161 5.19 15.78 15.47
CA GLN B 161 4.74 17.16 15.31
C GLN B 161 3.26 17.29 15.65
N LEU B 162 2.44 16.41 15.09
CA LEU B 162 1.00 16.47 15.32
C LEU B 162 0.63 15.99 16.72
N GLY B 163 1.46 15.14 17.33
CA GLY B 163 1.13 14.61 18.64
C GLY B 163 1.26 15.64 19.75
N THR B 164 2.28 16.50 19.66
CA THR B 164 2.43 17.56 20.65
C THR B 164 1.41 18.67 20.43
N ILE B 165 1.01 18.92 19.18
CA ILE B 165 -0.10 19.83 18.92
C ILE B 165 -1.36 19.33 19.61
N PHE B 166 -1.59 18.02 19.57
CA PHE B 166 -2.70 17.43 20.31
C PHE B 166 -2.48 17.51 21.81
N GLY B 167 -1.23 17.38 22.26
CA GLY B 167 -0.94 17.50 23.69
C GLY B 167 -1.24 18.88 24.22
N LYS B 168 -1.00 19.91 23.39
CA LYS B 168 -1.36 21.27 23.79
C LYS B 168 -2.87 21.43 23.92
N GLY B 169 -3.62 20.83 22.98
CA GLY B 169 -5.06 20.96 22.98
C GLY B 169 -5.77 20.17 24.07
N ILE B 170 -5.12 19.15 24.61
CA ILE B 170 -5.73 18.34 25.66
C ILE B 170 -5.31 18.78 27.05
N ALA B 171 -4.20 19.51 27.18
CA ALA B 171 -3.80 20.04 28.49
C ALA B 171 -4.75 21.13 28.96
N LYS B 172 -5.27 21.94 28.03
CA LYS B 172 -6.27 22.94 28.43
C LYS B 172 -7.61 22.28 28.74
N VAL B 173 -7.97 21.24 27.99
CA VAL B 173 -9.27 20.60 28.17
C VAL B 173 -9.30 19.74 29.43
N GLU B 174 -8.16 19.14 29.80
CA GLU B 174 -8.07 18.35 31.03
C GLU B 174 -7.75 19.20 32.25
N ASP B 175 -7.97 20.51 32.19
CA ASP B 175 -7.97 21.37 33.36
C ASP B 175 -9.26 22.14 33.56
N THR B 176 -10.06 22.36 32.50
CA THR B 176 -11.31 23.10 32.65
C THR B 176 -12.38 22.25 33.33
N PHE B 177 -12.39 20.94 33.06
CA PHE B 177 -13.36 20.03 33.65
C PHE B 177 -12.86 19.36 34.93
N ILE B 178 -11.86 19.94 35.60
CA ILE B 178 -11.35 19.37 36.84
C ILE B 178 -12.25 19.86 37.98
N LYS B 179 -13.20 19.03 38.36
CA LYS B 179 -14.07 19.28 39.50
C LYS B 179 -13.44 18.65 40.75
N TRP B 180 -14.19 18.53 41.82
CA TRP B 180 -13.69 17.95 43.07
C TRP B 180 -13.41 16.45 42.94
N VAL B 182 -11.48 14.44 41.13
CA VAL B 182 -11.32 13.78 39.83
C VAL B 182 -10.44 12.55 39.97
N SER B 183 -10.52 11.66 38.99
CA SER B 183 -9.72 10.44 38.95
C SER B 183 -8.82 10.47 37.73
N GLN B 184 -7.51 10.36 37.96
CA GLN B 184 -6.54 10.51 36.88
C GLN B 184 -6.70 9.41 35.83
N THR B 185 -6.99 8.18 36.27
CA THR B 185 -7.03 7.05 35.35
C THR B 185 -8.25 7.12 34.42
N LYS B 186 -9.36 7.69 34.89
CA LYS B 186 -10.58 7.72 34.10
C LYS B 186 -10.63 8.91 33.15
N ILE B 187 -9.89 9.98 33.45
CA ILE B 187 -9.84 11.13 32.55
C ILE B 187 -9.17 10.75 31.23
N ARG B 188 -8.26 9.78 31.24
CA ARG B 188 -7.55 9.42 30.03
C ARG B 188 -8.47 8.87 28.95
N ILE B 189 -9.67 8.42 29.32
CA ILE B 189 -10.62 7.91 28.34
C ILE B 189 -11.33 9.06 27.64
N ILE B 190 -11.71 10.10 28.39
CA ILE B 190 -12.37 11.26 27.78
C ILE B 190 -11.46 11.89 26.73
N SER B 191 -10.14 11.86 26.95
CA SER B 191 -9.21 12.45 25.99
C SER B 191 -9.13 11.62 24.72
N THR B 192 -9.16 10.29 24.83
CA THR B 192 -9.10 9.45 23.64
C THR B 192 -10.43 9.44 22.89
N ILE B 193 -11.52 9.88 23.52
CA ILE B 193 -12.77 10.03 22.78
C ILE B 193 -12.72 11.29 21.91
N ILE B 194 -12.16 12.37 22.44
CA ILE B 194 -12.09 13.62 21.69
C ILE B 194 -11.02 13.53 20.61
N PHE B 195 -10.05 12.63 20.75
CA PHE B 195 -9.11 12.35 19.67
C PHE B 195 -9.83 11.74 18.47
N ILE B 196 -10.48 10.61 18.67
CA ILE B 196 -11.23 9.95 17.61
C ILE B 196 -12.32 10.88 17.08
N LEU B 197 -12.80 11.79 17.91
CA LEU B 197 -13.84 12.71 17.47
C LEU B 197 -13.29 13.75 16.50
N PHE B 198 -12.33 14.58 16.95
CA PHE B 198 -11.70 15.54 16.04
C PHE B 198 -11.07 14.84 14.83
N GLY B 199 -10.39 13.73 15.06
CA GLY B 199 -9.70 13.05 13.98
C GLY B 199 -10.59 12.64 12.84
N CYS B 200 -11.63 11.85 13.14
CA CYS B 200 -12.57 11.44 12.11
C CYS B 200 -13.39 12.61 11.55
N VAL B 201 -13.29 13.79 12.16
CA VAL B 201 -13.87 14.99 11.56
C VAL B 201 -12.91 15.59 10.53
N LEU B 202 -11.70 15.92 10.97
CA LEU B 202 -10.75 16.60 10.08
C LEU B 202 -10.20 15.67 9.02
N PHE B 203 -9.96 14.41 9.36
CA PHE B 203 -9.24 13.52 8.45
C PHE B 203 -10.13 12.51 7.76
N VAL B 204 -11.39 12.38 8.20
CA VAL B 204 -12.35 11.47 7.58
C VAL B 204 -13.59 12.20 7.10
N ALA B 205 -14.19 13.04 7.96
CA ALA B 205 -15.46 13.65 7.63
C ALA B 205 -15.31 14.83 6.67
N LEU B 206 -14.60 15.87 7.10
CA LEU B 206 -14.39 17.05 6.25
C LEU B 206 -13.82 16.70 4.87
N PRO B 207 -12.82 15.82 4.72
CA PRO B 207 -12.42 15.44 3.36
C PRO B 207 -13.50 14.67 2.63
N ALA B 208 -14.21 13.76 3.32
CA ALA B 208 -15.29 13.04 2.66
C ALA B 208 -16.37 13.97 2.16
N VAL B 209 -16.62 15.07 2.88
CA VAL B 209 -17.56 16.08 2.38
C VAL B 209 -16.99 16.77 1.15
N ILE B 210 -15.72 17.16 1.21
CA ILE B 210 -15.08 17.84 0.09
C ILE B 210 -14.90 16.87 -1.07
N PHE B 211 -14.56 15.61 -0.78
CA PHE B 211 -14.37 14.60 -1.80
C PHE B 211 -15.69 14.01 -2.29
N LYS B 212 -16.81 14.48 -1.72
CA LYS B 212 -18.13 14.09 -2.21
C LYS B 212 -18.57 15.00 -3.35
N HIS B 213 -18.38 16.31 -3.20
CA HIS B 213 -18.76 17.26 -4.25
C HIS B 213 -17.78 17.26 -5.42
N ILE B 214 -16.50 17.53 -5.14
CA ILE B 214 -15.52 17.76 -6.21
C ILE B 214 -15.53 16.61 -7.20
N GLU B 215 -15.26 15.40 -6.71
CA GLU B 215 -15.16 14.24 -7.60
C GLU B 215 -16.55 13.68 -7.89
N TRP B 217 -19.07 11.15 -6.34
CA TRP B 217 -19.17 10.12 -5.30
C TRP B 217 -20.38 10.31 -4.39
N SER B 218 -20.79 9.22 -3.76
CA SER B 218 -21.86 9.24 -2.78
C SER B 218 -21.31 9.66 -1.42
N ALA B 219 -22.11 9.50 -0.37
CA ALA B 219 -21.65 9.83 0.98
C ALA B 219 -20.75 8.75 1.54
N LEU B 220 -21.12 7.48 1.35
CA LEU B 220 -20.31 6.38 1.85
C LEU B 220 -18.98 6.27 1.09
N ASP B 221 -19.04 6.31 -0.24
CA ASP B 221 -17.88 6.01 -1.06
C ASP B 221 -16.72 6.97 -0.82
N ALA B 222 -16.97 8.11 -0.18
CA ALA B 222 -15.88 9.00 0.21
C ALA B 222 -15.17 8.49 1.44
N ILE B 223 -15.91 8.12 2.49
CA ILE B 223 -15.31 7.53 3.69
C ILE B 223 -14.60 6.23 3.33
N TYR B 224 -15.21 5.43 2.47
CA TYR B 224 -14.53 4.25 1.94
C TYR B 224 -13.22 4.63 1.25
N PHE B 225 -13.26 5.67 0.41
CA PHE B 225 -12.04 6.18 -0.20
C PHE B 225 -11.03 6.61 0.85
N VAL B 226 -11.47 7.38 1.84
CA VAL B 226 -10.55 7.88 2.87
C VAL B 226 -9.88 6.72 3.61
N VAL B 227 -10.68 5.75 4.04
CA VAL B 227 -10.14 4.64 4.82
C VAL B 227 -9.16 3.81 3.98
N ILE B 228 -9.57 3.41 2.78
CA ILE B 228 -8.72 2.58 1.93
C ILE B 228 -7.41 3.30 1.62
N THR B 229 -7.45 4.61 1.41
CA THR B 229 -6.24 5.35 1.09
C THR B 229 -5.33 5.46 2.30
N LEU B 230 -5.86 5.96 3.42
CA LEU B 230 -5.02 6.28 4.56
C LEU B 230 -4.58 5.05 5.34
N THR B 231 -5.26 3.91 5.16
CA THR B 231 -4.71 2.63 5.61
C THR B 231 -3.66 2.09 4.64
N THR B 232 -3.30 2.87 3.62
CA THR B 232 -2.30 2.51 2.61
C THR B 232 -2.65 1.22 1.88
N ILE B 233 -3.94 0.93 1.72
CA ILE B 233 -4.33 -0.23 0.94
C ILE B 233 -4.29 0.08 -0.55
N GLY B 234 -4.92 1.18 -0.95
CA GLY B 234 -4.93 1.57 -2.36
C GLY B 234 -6.29 2.05 -2.84
N TYR B 247 -4.49 30.17 -11.69
CA TYR B 247 -5.91 29.87 -11.71
C TYR B 247 -6.37 29.20 -10.42
N LEU B 248 -5.59 29.41 -9.36
CA LEU B 248 -5.96 29.07 -7.98
C LEU B 248 -6.46 27.64 -7.86
N ASP B 249 -5.67 26.70 -8.36
CA ASP B 249 -5.98 25.27 -8.28
C ASP B 249 -5.12 24.65 -7.18
N PHE B 250 -5.67 24.60 -5.96
CA PHE B 250 -4.88 24.18 -4.80
C PHE B 250 -5.16 22.69 -4.62
N TYR B 251 -4.53 21.83 -5.42
CA TYR B 251 -4.92 20.43 -5.30
C TYR B 251 -3.79 19.54 -4.78
N LYS B 252 -2.71 19.35 -5.52
CA LYS B 252 -1.77 18.31 -5.09
C LYS B 252 -0.84 18.75 -3.96
N PRO B 253 -0.37 20.00 -3.92
CA PRO B 253 0.36 20.45 -2.71
C PRO B 253 -0.49 20.41 -1.45
N VAL B 254 -1.81 20.51 -1.58
CA VAL B 254 -2.70 20.60 -0.42
C VAL B 254 -3.36 19.25 -0.11
N VAL B 255 -3.85 18.55 -1.13
CA VAL B 255 -4.51 17.26 -0.90
C VAL B 255 -3.52 16.24 -0.36
N TRP B 256 -2.30 16.21 -0.91
N TRP B 256 -0.48 16.62 -1.38
CA TRP B 256 -1.33 15.20 -0.51
CA TRP B 256 -0.50 15.34 -0.68
C TRP B 256 -0.68 15.49 0.84
C TRP B 256 -0.35 15.55 0.82
N PHE B 257 -0.75 16.74 1.29
CA PHE B 257 -0.51 17.11 2.68
C PHE B 257 -1.66 16.78 3.61
N TRP B 258 -2.91 16.81 3.13
CA TRP B 258 -3.97 16.07 3.83
C TRP B 258 -3.59 14.61 3.99
N ILE B 259 -3.10 13.99 2.92
CA ILE B 259 -2.70 12.59 2.97
C ILE B 259 -1.57 12.41 3.97
N LEU B 260 -0.57 13.29 3.94
CA LEU B 260 0.59 13.16 4.81
C LEU B 260 0.19 13.11 6.28
N VAL B 261 -0.77 13.94 6.68
CA VAL B 261 -1.17 13.97 8.08
C VAL B 261 -2.23 12.92 8.37
N GLY B 262 -3.14 12.67 7.42
CA GLY B 262 -4.09 11.58 7.58
C GLY B 262 -3.43 10.23 7.70
N LEU B 263 -2.33 10.02 6.96
CA LEU B 263 -1.54 8.81 7.15
C LEU B 263 -0.97 8.73 8.56
N ALA B 264 -0.49 9.87 9.09
CA ALA B 264 -0.06 9.90 10.47
C ALA B 264 -1.23 9.68 11.43
N TYR B 265 -2.44 10.07 11.00
CA TYR B 265 -3.59 9.90 11.88
C TYR B 265 -4.01 8.43 11.98
N PHE B 266 -4.21 7.74 10.85
CA PHE B 266 -4.57 6.33 10.97
C PHE B 266 -3.42 5.51 11.54
N ALA B 267 -2.18 5.92 11.29
CA ALA B 267 -1.04 5.22 11.91
C ALA B 267 -1.20 5.16 13.42
N ALA B 268 -1.68 6.25 14.02
CA ALA B 268 -1.99 6.24 15.44
C ALA B 268 -3.25 5.44 15.71
N VAL B 269 -4.31 5.67 14.93
CA VAL B 269 -5.58 5.00 15.15
C VAL B 269 -5.42 3.49 15.06
N LEU B 270 -4.78 3.00 13.98
CA LEU B 270 -4.51 1.58 13.85
C LEU B 270 -3.68 1.07 15.02
N SER B 271 -2.80 1.90 15.58
CA SER B 271 -1.98 1.47 16.71
C SER B 271 -2.81 1.36 17.98
N MET B 272 -3.76 2.28 18.19
CA MET B 272 -4.66 2.16 19.34
C MET B 272 -5.53 0.92 19.21
N ILE B 273 -6.15 0.73 18.03
CA ILE B 273 -6.94 -0.46 17.78
C ILE B 273 -6.12 -1.71 18.06
N GLY B 274 -4.83 -1.68 17.70
CA GLY B 274 -3.94 -2.77 18.06
C GLY B 274 -3.73 -2.87 19.56
N ASP B 275 -3.62 -1.73 20.25
CA ASP B 275 -3.51 -1.75 21.69
C ASP B 275 -4.79 -2.24 22.34
N TRP B 276 -5.95 -1.89 21.77
CA TRP B 276 -7.21 -2.44 22.23
C TRP B 276 -7.24 -3.96 22.11
N LEU B 277 -6.51 -4.52 21.13
CA LEU B 277 -6.55 -5.96 20.92
C LEU B 277 -5.69 -6.70 21.94
N ARG B 278 -4.56 -6.12 22.35
CA ARG B 278 -3.77 -6.72 23.43
C ARG B 278 -4.59 -6.81 24.71
N VAL B 279 -5.32 -5.74 25.05
CA VAL B 279 -6.20 -5.76 26.22
C VAL B 279 -7.21 -6.89 26.09
N ILE B 280 -7.95 -6.90 24.98
CA ILE B 280 -9.00 -7.91 24.78
C ILE B 280 -8.39 -9.31 24.65
N ALA B 281 -7.14 -9.41 24.19
CA ALA B 281 -6.48 -10.71 24.12
C ALA B 281 -6.20 -11.26 25.52
N LYS B 282 -5.77 -10.40 26.44
CA LYS B 282 -5.61 -10.83 27.83
C LYS B 282 -6.94 -11.26 28.43
N LYS B 283 -7.92 -10.37 28.40
CA LYS B 283 -9.16 -10.58 29.15
C LYS B 283 -9.86 -11.86 28.68
N THR B 284 -9.83 -12.13 27.38
CA THR B 284 -10.38 -13.39 26.89
C THR B 284 -9.51 -14.57 27.27
N LYS B 285 -8.20 -14.35 27.43
CA LYS B 285 -7.32 -15.46 27.80
C LYS B 285 -7.42 -15.78 29.29
N GLU B 286 -7.68 -14.78 30.13
CA GLU B 286 -7.90 -15.04 31.54
C GLU B 286 -9.31 -15.57 31.80
N ALA B 287 -10.29 -15.15 31.00
CA ALA B 287 -11.65 -15.63 31.17
C ALA B 287 -11.75 -17.12 30.84
N VAL B 288 -11.18 -17.53 29.70
CA VAL B 288 -11.06 -18.94 29.40
C VAL B 288 -10.31 -19.68 30.49
N GLY B 289 -9.37 -18.99 31.14
CA GLY B 289 -8.63 -19.61 32.24
C GLY B 289 -9.52 -19.99 33.41
N GLU B 290 -10.44 -19.09 33.79
CA GLU B 290 -11.33 -19.39 34.91
C GLU B 290 -12.36 -20.44 34.52
N PHE B 291 -13.01 -20.26 33.37
CA PHE B 291 -14.02 -21.21 32.90
C PHE B 291 -13.45 -22.58 32.57
N ARG B 292 -12.14 -22.68 32.32
CA ARG B 292 -11.54 -24.01 32.33
C ARG B 292 -11.43 -24.53 33.76
N ALA B 293 -11.09 -23.65 34.70
CA ALA B 293 -10.77 -24.08 36.06
C ALA B 293 -12.01 -24.53 36.83
N HIS B 294 -13.18 -24.01 36.48
CA HIS B 294 -14.38 -24.22 37.28
C HIS B 294 -15.36 -25.18 36.61
N ALA B 295 -15.79 -24.87 35.38
CA ALA B 295 -16.82 -25.63 34.68
C ALA B 295 -18.11 -25.70 35.50
N ALA B 296 -18.50 -24.55 36.04
CA ALA B 296 -19.71 -24.41 36.86
C ALA B 296 -19.67 -25.37 38.06
N GLU B 297 -18.61 -25.26 38.84
CA GLU B 297 -18.38 -26.10 40.02
C GLU B 297 -18.39 -27.59 39.65
CD CD C . 37.69 20.77 10.69
CD CD D . 6.59 -24.69 -15.82
OH2 1PE E . 10.71 -24.83 -15.57
C12 1PE E . 11.86 -25.19 -14.86
C22 1PE E . 11.53 -26.34 -13.92
OH3 1PE E . 12.69 -26.80 -13.29
C13 1PE E . 12.80 -26.60 -10.92
C23 1PE E . 12.47 -27.49 -12.10
OH4 1PE E . 11.63 -26.27 -10.24
C14 1PE E . 10.53 -25.99 -8.14
C24 1PE E . 11.83 -25.83 -8.92
OH5 1PE E . 10.81 -26.55 -6.89
C15 1PE E . 10.09 -27.42 -4.78
C25 1PE E . 9.71 -26.64 -6.04
OH6 1PE E . 9.31 -26.96 -3.72
C16 1PE E . 10.54 -27.57 -1.77
C26 1PE E . 9.29 -27.81 -2.61
OH7 1PE E . 10.18 -27.54 -0.41
C1 LNK F . 19.09 15.56 -1.87
C2 LNK F . 20.32 14.66 -1.99
C3 LNK F . 20.11 13.67 -3.13
C4 LNK F . 18.86 12.84 -2.86
C5 LNK F . 18.02 12.74 -4.14
C1 OCT G . -14.93 0.61 14.38
C2 OCT G . -15.64 0.43 13.04
C3 OCT G . -16.57 1.61 12.79
C4 OCT G . -17.00 1.61 11.32
C5 OCT G . -18.00 2.75 11.09
C6 OCT G . -18.51 2.68 9.65
C7 OCT G . -19.71 3.60 9.49
C8 OCT G . -20.27 3.49 8.08
K K H . -0.93 -0.72 -1.00
C1 PIO I . 18.10 14.78 13.39
O1 PIO I . 17.78 15.15 12.06
P1 PIO I . 18.87 16.06 11.22
C2 PIO I . 18.90 13.47 13.38
O2 PIO I . 18.13 12.45 12.77
C3 PIO I . 19.30 13.02 14.79
O3 PIO I . 19.35 11.60 14.82
C4 PIO I . 18.35 13.49 15.91
O4 PIO I . 18.78 14.70 16.47
P4 PIO I . 20.36 14.99 16.85
C5 PIO I . 16.91 13.70 15.42
O5 PIO I . 16.33 12.47 15.04
P5 PIO I . 15.04 11.94 15.91
C6 PIO I . 16.83 14.71 14.26
O6 PIO I . 16.64 15.97 14.84
O11 PIO I . 20.08 15.22 10.90
O12 PIO I . 19.30 17.23 12.09
O13 PIO I . 18.22 16.62 9.82
C1A PIO I . 21.07 18.44 6.46
O1A PIO I . 21.68 17.48 6.14
C1B PIO I . 18.99 15.12 5.35
O1B PIO I . 18.20 14.26 5.59
C1C PIO I . 18.81 17.75 9.21
C2A PIO I . 21.63 19.82 6.12
C2B PIO I . 20.00 14.98 4.21
C2C PIO I . 19.78 17.33 8.10
O2C PIO I . 19.85 18.32 7.13
C3A PIO I . 21.96 19.90 4.63
C3B PIO I . 20.39 13.52 4.01
C3C PIO I . 19.28 16.03 7.47
O3C PIO I . 18.98 16.27 6.13
O41 PIO I . 20.41 16.02 17.95
O42 PIO I . 21.08 15.53 15.63
O43 PIO I . 21.03 13.73 17.33
C4A PIO I . 20.72 19.60 3.80
C4B PIO I . 19.36 12.85 3.09
O51 PIO I . 15.12 10.43 16.06
O52 PIO I . 15.06 12.57 17.28
O53 PIO I . 13.75 12.31 15.20
C5A PIO I . 21.09 18.58 2.73
C5B PIO I . 20.08 11.93 2.08
C6A PIO I . 19.92 18.31 1.81
C6B PIO I . 19.04 11.38 1.10
C7A PIO I . 20.42 18.10 0.39
C7B PIO I . 19.67 10.27 0.26
C8A PIO I . 21.55 17.08 0.39
C8B PIO I . 18.61 9.64 -0.64
CD CD J . -10.88 -19.82 41.16
CD CD K . -6.80 7.74 -20.50
C1 LNK L . 21.37 6.43 -4.71
C2 LNK L . 21.91 7.81 -4.33
C3 LNK L . 21.06 8.39 -3.20
C4 LNK L . 21.92 9.34 -2.37
C5 LNK L . 22.59 8.57 -1.23
C1 OCT M . -7.26 -13.82 21.22
C2 OCT M . -7.48 -12.45 20.58
C3 OCT M . -8.98 -12.11 20.59
C4 OCT M . -9.41 -11.74 19.17
C5 OCT M . -10.76 -11.04 19.24
C6 OCT M . -10.87 -10.04 18.08
C7 OCT M . -12.13 -9.19 18.25
C8 OCT M . -12.90 -9.19 16.93
C1 OCT N . 18.15 1.36 -17.61
C2 OCT N . 18.26 2.77 -17.04
C3 OCT N . 17.94 2.75 -15.54
C4 OCT N . 18.89 3.70 -14.81
C5 OCT N . 18.11 4.55 -13.81
C6 OCT N . 18.95 5.78 -13.46
C7 OCT N . 18.36 6.46 -12.22
C8 OCT N . 19.37 7.47 -11.66
C1 D12 O . -7.42 -18.14 24.00
C2 D12 O . -7.92 -18.70 22.67
C3 D12 O . -9.26 -18.06 22.32
C4 D12 O . -9.50 -18.12 20.82
C5 D12 O . -10.76 -17.33 20.48
C6 D12 O . -10.82 -17.03 18.99
C7 D12 O . -11.82 -15.90 18.77
C8 D12 O . -12.09 -15.69 17.28
C9 D12 O . -13.08 -14.54 17.10
C10 D12 O . -13.19 -14.18 15.63
C11 D12 O . -13.43 -12.67 15.48
C12 D12 O . -13.51 -12.30 14.00
K K P . 0.74 -0.27 2.27
C27 R16 Q . 18.15 -6.59 -13.45
C28 R16 Q . 17.92 -6.32 -11.97
C29 R16 Q . 18.57 -5.00 -11.58
C30 R16 Q . 18.13 -4.61 -10.16
C31 R16 Q . 19.05 -3.52 -9.62
C32 R16 Q . 18.75 -3.33 -8.12
C33 R16 Q . 19.84 -2.45 -7.50
C34 R16 Q . 20.23 -3.03 -6.15
C35 R16 Q . 21.49 -2.33 -5.64
C36 R16 Q . 22.28 -3.31 -4.77
C37 R16 Q . 23.51 -2.60 -4.19
C38 R16 Q . 24.13 -3.47 -3.10
C39 R16 Q . 25.31 -2.74 -2.47
C40 R16 Q . 26.60 -3.47 -2.81
C41 R16 Q . 27.79 -2.68 -2.25
C42 R16 Q . 28.86 -3.66 -1.77
#